data_5EO6
#
_entry.id   5EO6
#
_cell.length_a   71.140
_cell.length_b   97.160
_cell.length_c   71.260
_cell.angle_alpha   90.000
_cell.angle_beta   115.790
_cell.angle_gamma   90.000
#
_symmetry.space_group_name_H-M   'P 1 21 1'
#
loop_
_entity.id
_entity.type
_entity.pdbx_description
1 polymer 'Coproporphyrinogen oxidase'
2 non-polymer 'ACETATE ION'
3 water water
#
_entity_poly.entity_id   1
_entity_poly.type   'polypeptide(L)'
_entity_poly.pdbx_seq_one_letter_code
;MAHHHHHHMQHPTSTDIQRVREFLLDLQARICAGLEQQEKAGGGTAEFIIDDWERPEGGGGRSRVLQNGTVIEKGGVMFS
HINISKLPASATERHPQIAGAKAQALGVSLVIHPKNPNIPTSHANVRLFVAEREDQDPIWWFGGGFDLTPFYPDDQDVLN
WHQAAYDLCKPFGDNVYAEHKKWCDDYFYLKHRDEQRGVGGLFFDDLNCWDFETCFKYIQAVGNGYLNAILPIFEKHREQ
PYTEAQREFQLYRRGRYVEYNLVYDRGTLFGLQTGGRIESILVSLPNLAAWSYRPEWDEDSPEKRLTDYYLKPRDWLGLE
EKVA
;
_entity_poly.pdbx_strand_id   A,B
#
loop_
_chem_comp.id
_chem_comp.type
_chem_comp.name
_chem_comp.formula
ACT non-polymer 'ACETATE ION' 'C2 H3 O2 -1'
#
# COMPACT_ATOMS: atom_id res chain seq x y z
N MET A 9 -40.80 13.39 7.77
CA MET A 9 -41.12 12.38 6.76
C MET A 9 -40.50 12.79 5.43
N GLN A 10 -40.66 14.07 5.10
CA GLN A 10 -40.11 14.58 3.83
C GLN A 10 -38.59 14.42 3.79
N HIS A 11 -37.88 14.97 4.79
CA HIS A 11 -36.40 15.10 4.74
C HIS A 11 -35.59 13.80 4.65
N PRO A 12 -34.57 13.75 3.78
CA PRO A 12 -34.23 14.84 2.86
C PRO A 12 -35.04 14.81 1.57
N THR A 13 -35.66 15.95 1.24
CA THR A 13 -36.32 16.11 -0.04
C THR A 13 -35.27 16.35 -1.13
N SER A 14 -35.71 16.37 -2.39
CA SER A 14 -34.75 16.68 -3.45
C SER A 14 -34.17 18.09 -3.27
N THR A 15 -34.96 19.01 -2.73
CA THR A 15 -34.47 20.34 -2.39
C THR A 15 -33.41 20.27 -1.28
N ASP A 16 -33.59 19.40 -0.30
CA ASP A 16 -32.57 19.24 0.73
C ASP A 16 -31.28 18.73 0.11
N ILE A 17 -31.38 17.75 -0.79
CA ILE A 17 -30.19 17.19 -1.42
C ILE A 17 -29.45 18.27 -2.20
N GLN A 18 -30.21 19.14 -2.89
CA GLN A 18 -29.58 20.20 -3.66
C GLN A 18 -28.87 21.20 -2.76
N ARG A 19 -29.44 21.51 -1.60
CA ARG A 19 -28.76 22.39 -0.65
C ARG A 19 -27.45 21.77 -0.16
N VAL A 20 -27.48 20.47 0.15
CA VAL A 20 -26.24 19.79 0.55
C VAL A 20 -25.21 19.82 -0.58
N ARG A 21 -25.66 19.51 -1.81
CA ARG A 21 -24.77 19.56 -2.96
C ARG A 21 -24.11 20.93 -3.13
N GLU A 22 -24.90 22.01 -3.03
CA GLU A 22 -24.35 23.35 -3.19
C GLU A 22 -23.36 23.68 -2.08
N PHE A 23 -23.66 23.29 -0.83
CA PHE A 23 -22.73 23.47 0.27
C PHE A 23 -21.41 22.76 -0.02
N LEU A 24 -21.49 21.50 -0.48
CA LEU A 24 -20.28 20.71 -0.71
C LEU A 24 -19.43 21.33 -1.82
N LEU A 25 -20.05 21.75 -2.92
CA LEU A 25 -19.26 22.35 -3.99
C LEU A 25 -18.60 23.65 -3.54
N ASP A 26 -19.33 24.46 -2.78
CA ASP A 26 -18.73 25.69 -2.28
C ASP A 26 -17.60 25.41 -1.28
N LEU A 27 -17.78 24.42 -0.41
CA LEU A 27 -16.72 24.02 0.53
C LEU A 27 -15.47 23.59 -0.22
N GLN A 28 -15.63 22.76 -1.27
CA GLN A 28 -14.48 22.38 -2.08
C GLN A 28 -13.77 23.61 -2.63
N ALA A 29 -14.55 24.56 -3.17
CA ALA A 29 -13.94 25.78 -3.72
C ALA A 29 -13.18 26.55 -2.66
N ARG A 30 -13.78 26.72 -1.47
CA ARG A 30 -13.14 27.54 -0.42
C ARG A 30 -11.90 26.85 0.17
N ILE A 31 -11.93 25.50 0.31
CA ILE A 31 -10.74 24.81 0.81
C ILE A 31 -9.60 24.96 -0.20
N CYS A 32 -9.90 24.76 -1.49
CA CYS A 32 -8.84 24.91 -2.48
C CYS A 32 -8.29 26.32 -2.47
N ALA A 33 -9.17 27.34 -2.36
CA ALA A 33 -8.70 28.73 -2.36
C ALA A 33 -7.81 29.04 -1.16
N GLY A 34 -8.19 28.54 0.01
CA GLY A 34 -7.41 28.82 1.22
C GLY A 34 -6.04 28.18 1.15
N LEU A 35 -5.98 26.93 0.70
CA LEU A 35 -4.70 26.24 0.56
C LEU A 35 -3.87 26.85 -0.56
N GLU A 36 -4.53 27.26 -1.65
CA GLU A 36 -3.80 27.90 -2.72
C GLU A 36 -3.17 29.21 -2.26
N GLN A 37 -3.81 29.93 -1.34
CA GLN A 37 -3.18 31.13 -0.79
CA GLN A 37 -3.15 31.14 -0.85
C GLN A 37 -1.86 30.81 -0.10
N GLN A 38 -1.79 29.64 0.57
CA GLN A 38 -0.54 29.21 1.20
C GLN A 38 0.51 28.87 0.17
N GLU A 39 0.12 28.14 -0.89
CA GLU A 39 1.05 27.83 -1.98
C GLU A 39 1.67 29.12 -2.53
N LYS A 40 0.83 30.13 -2.80
CA LYS A 40 1.34 31.38 -3.36
C LYS A 40 2.16 32.15 -2.33
N ALA A 41 1.76 32.11 -1.06
CA ALA A 41 2.54 32.81 -0.03
C ALA A 41 3.98 32.27 0.06
N GLY A 42 4.18 30.98 -0.21
CA GLY A 42 5.48 30.38 -0.23
C GLY A 42 6.20 30.49 -1.56
N GLY A 43 5.66 31.25 -2.50
CA GLY A 43 6.30 31.46 -3.80
C GLY A 43 5.98 30.42 -4.84
N GLY A 44 4.99 29.58 -4.57
CA GLY A 44 4.61 28.55 -5.51
C GLY A 44 3.60 29.06 -6.52
N THR A 45 3.41 28.23 -7.55
CA THR A 45 2.43 28.52 -8.60
C THR A 45 1.51 27.33 -8.88
N ALA A 46 1.65 26.21 -8.17
CA ALA A 46 0.82 25.06 -8.46
C ALA A 46 -0.62 25.33 -8.01
N GLU A 47 -1.60 24.87 -8.78
CA GLU A 47 -3.02 25.06 -8.51
C GLU A 47 -3.73 23.72 -8.34
N PHE A 48 -4.88 23.76 -7.67
CA PHE A 48 -5.76 22.58 -7.57
C PHE A 48 -6.54 22.53 -8.89
N ILE A 49 -6.01 21.79 -9.87
CA ILE A 49 -6.59 21.74 -11.21
C ILE A 49 -7.89 20.96 -11.21
N ILE A 50 -8.90 21.48 -11.92
CA ILE A 50 -10.21 20.82 -11.99
C ILE A 50 -10.23 19.74 -13.07
N ASP A 51 -10.69 18.53 -12.68
CA ASP A 51 -10.97 17.41 -13.60
C ASP A 51 -12.42 17.03 -13.30
N ASP A 52 -13.34 17.34 -14.21
CA ASP A 52 -14.74 16.93 -14.06
C ASP A 52 -14.98 15.64 -14.83
N TRP A 53 -15.83 14.79 -14.29
CA TRP A 53 -16.05 13.48 -14.89
C TRP A 53 -17.48 13.04 -14.62
N GLU A 54 -17.94 12.10 -15.45
CA GLU A 54 -19.28 11.55 -15.35
C GLU A 54 -19.21 10.04 -15.25
N ARG A 55 -20.16 9.46 -14.50
CA ARG A 55 -20.32 8.03 -14.28
C ARG A 55 -21.48 7.51 -15.13
N PRO A 56 -21.30 6.40 -15.85
CA PRO A 56 -22.41 5.91 -16.69
C PRO A 56 -23.62 5.52 -15.87
N GLU A 57 -23.39 4.94 -14.69
CA GLU A 57 -24.49 4.64 -13.78
C GLU A 57 -25.27 5.89 -13.40
N GLY A 58 -24.61 7.05 -13.41
CA GLY A 58 -25.30 8.29 -13.15
C GLY A 58 -24.56 9.19 -12.19
N GLY A 59 -24.65 10.49 -12.44
CA GLY A 59 -23.91 11.42 -11.61
C GLY A 59 -22.49 11.59 -12.10
N GLY A 60 -21.61 11.97 -11.18
CA GLY A 60 -20.24 12.26 -11.56
C GLY A 60 -19.55 13.01 -10.43
N GLY A 61 -18.49 13.73 -10.80
CA GLY A 61 -17.72 14.41 -9.77
C GLY A 61 -16.80 15.47 -10.32
N ARG A 62 -16.20 16.20 -9.36
CA ARG A 62 -15.23 17.24 -9.65
C ARG A 62 -14.03 16.94 -8.77
N SER A 63 -12.92 16.55 -9.39
CA SER A 63 -11.67 16.31 -8.69
C SER A 63 -10.82 17.56 -8.80
N ARG A 64 -10.23 18.01 -7.71
CA ARG A 64 -9.31 19.15 -7.78
C ARG A 64 -8.00 18.72 -7.17
N VAL A 65 -6.92 18.71 -7.97
CA VAL A 65 -5.67 18.06 -7.59
C VAL A 65 -4.50 18.98 -7.88
N LEU A 66 -3.71 19.25 -6.85
CA LEU A 66 -2.51 20.05 -6.93
C LEU A 66 -1.33 19.10 -6.84
N GLN A 67 -0.42 19.18 -7.84
CA GLN A 67 0.78 18.35 -7.83
C GLN A 67 2.02 19.21 -7.99
N ASN A 68 3.13 18.70 -7.48
CA ASN A 68 4.45 19.30 -7.66
C ASN A 68 4.50 20.72 -7.08
N GLY A 69 3.83 20.96 -5.94
CA GLY A 69 3.82 22.28 -5.38
C GLY A 69 5.03 22.57 -4.52
N THR A 70 5.20 23.86 -4.22
CA THR A 70 6.27 24.37 -3.37
C THR A 70 5.92 24.24 -1.89
N VAL A 71 4.64 24.46 -1.54
CA VAL A 71 4.16 24.36 -0.17
C VAL A 71 3.25 23.14 0.00
N ILE A 72 2.27 22.99 -0.88
CA ILE A 72 1.50 21.74 -0.95
CA ILE A 72 1.48 21.76 -0.98
C ILE A 72 2.21 20.84 -1.95
N GLU A 73 2.87 19.78 -1.45
CA GLU A 73 3.57 18.90 -2.39
C GLU A 73 2.58 18.11 -3.23
N LYS A 74 1.47 17.64 -2.63
CA LYS A 74 0.41 16.99 -3.36
C LYS A 74 -0.86 17.18 -2.53
N GLY A 75 -1.98 17.48 -3.20
CA GLY A 75 -3.24 17.59 -2.46
C GLY A 75 -4.40 17.29 -3.38
N GLY A 76 -5.41 16.59 -2.89
CA GLY A 76 -6.63 16.41 -3.65
C GLY A 76 -7.81 16.78 -2.80
N VAL A 77 -8.74 17.54 -3.40
CA VAL A 77 -10.01 17.88 -2.73
C VAL A 77 -11.10 17.43 -3.70
N MET A 78 -11.81 16.37 -3.33
CA MET A 78 -12.54 15.54 -4.30
C MET A 78 -14.03 15.58 -4.00
N PHE A 79 -14.83 16.01 -4.95
CA PHE A 79 -16.28 16.03 -4.81
C PHE A 79 -16.89 14.94 -5.69
N SER A 80 -17.93 14.29 -5.18
CA SER A 80 -18.71 13.41 -6.06
C SER A 80 -20.16 13.39 -5.63
N HIS A 81 -21.04 13.13 -6.59
CA HIS A 81 -22.46 12.96 -6.32
C HIS A 81 -22.94 11.91 -7.31
N ILE A 82 -23.21 10.70 -6.83
CA ILE A 82 -23.36 9.55 -7.73
C ILE A 82 -24.55 8.69 -7.30
N ASN A 83 -25.07 7.94 -8.26
CA ASN A 83 -25.93 6.82 -7.95
C ASN A 83 -25.09 5.68 -7.38
N ILE A 84 -25.63 4.98 -6.39
CA ILE A 84 -24.92 3.91 -5.70
C ILE A 84 -25.62 2.60 -6.04
N SER A 85 -24.85 1.60 -6.46
CA SER A 85 -25.42 0.27 -6.73
C SER A 85 -24.86 -0.84 -5.84
N LYS A 86 -23.65 -0.69 -5.32
CA LYS A 86 -23.08 -1.65 -4.39
C LYS A 86 -22.70 -0.92 -3.11
N LEU A 87 -23.02 -1.52 -1.97
CA LEU A 87 -22.60 -1.00 -0.68
C LEU A 87 -21.84 -2.10 0.06
N PRO A 88 -20.96 -1.73 0.99
CA PRO A 88 -20.34 -2.75 1.84
C PRO A 88 -21.41 -3.44 2.68
N ALA A 89 -21.19 -4.72 2.98
CA ALA A 89 -22.16 -5.47 3.76
C ALA A 89 -22.49 -4.77 5.08
N SER A 90 -21.55 -4.00 5.63
CA SER A 90 -21.79 -3.35 6.92
C SER A 90 -22.90 -2.33 6.83
N ALA A 91 -22.93 -1.51 5.77
CA ALA A 91 -23.99 -0.53 5.60
C ALA A 91 -25.35 -1.22 5.56
N THR A 92 -25.47 -2.27 4.76
CA THR A 92 -26.72 -2.98 4.68
C THR A 92 -27.02 -3.72 5.99
N GLU A 93 -25.99 -4.21 6.67
CA GLU A 93 -26.16 -4.74 8.02
C GLU A 93 -26.70 -3.68 8.97
N ARG A 94 -26.03 -2.53 9.01
CA ARG A 94 -26.42 -1.47 9.95
C ARG A 94 -27.73 -0.81 9.56
N HIS A 95 -28.17 -0.97 8.31
CA HIS A 95 -29.37 -0.31 7.80
C HIS A 95 -30.07 -1.26 6.85
N PRO A 96 -30.74 -2.29 7.37
CA PRO A 96 -31.26 -3.35 6.49
C PRO A 96 -32.34 -2.89 5.52
N GLN A 97 -33.06 -1.80 5.83
CA GLN A 97 -34.15 -1.35 4.98
C GLN A 97 -33.67 -0.71 3.68
N ILE A 98 -32.37 -0.53 3.47
CA ILE A 98 -31.89 -0.02 2.18
C ILE A 98 -31.86 -1.09 1.10
N ALA A 99 -32.03 -2.36 1.46
CA ALA A 99 -32.01 -3.42 0.46
C ALA A 99 -33.05 -3.16 -0.61
N GLY A 100 -32.61 -3.13 -1.87
CA GLY A 100 -33.52 -2.92 -2.98
C GLY A 100 -34.01 -1.49 -3.15
N ALA A 101 -33.23 -0.50 -2.72
CA ALA A 101 -33.60 0.89 -2.88
C ALA A 101 -32.70 1.52 -3.93
N LYS A 102 -33.19 2.58 -4.55
CA LYS A 102 -32.36 3.46 -5.35
C LYS A 102 -31.60 4.34 -4.39
N ALA A 103 -30.29 4.41 -4.54
CA ALA A 103 -29.47 5.12 -3.58
C ALA A 103 -28.59 6.15 -4.27
N GLN A 104 -28.24 7.19 -3.54
CA GLN A 104 -27.26 8.16 -4.03
C GLN A 104 -26.39 8.59 -2.86
N ALA A 105 -25.20 9.08 -3.21
CA ALA A 105 -24.28 9.58 -2.21
C ALA A 105 -23.57 10.81 -2.75
N LEU A 106 -23.30 11.77 -1.86
CA LEU A 106 -22.61 12.99 -2.26
C LEU A 106 -21.69 13.40 -1.13
N GLY A 107 -20.49 13.88 -1.48
CA GLY A 107 -19.58 14.27 -0.42
C GLY A 107 -18.34 14.92 -0.97
N VAL A 108 -17.51 15.39 -0.04
CA VAL A 108 -16.17 15.91 -0.33
C VAL A 108 -15.19 15.13 0.52
N SER A 109 -14.09 14.67 -0.07
CA SER A 109 -13.00 13.98 0.63
CA SER A 109 -13.02 14.09 0.71
C SER A 109 -11.70 14.69 0.25
N LEU A 110 -10.76 14.81 1.17
CA LEU A 110 -9.53 15.49 0.83
C LEU A 110 -8.35 14.92 1.61
N VAL A 111 -7.16 14.93 0.98
CA VAL A 111 -5.91 14.59 1.67
C VAL A 111 -4.86 15.57 1.16
N ILE A 112 -4.16 16.25 2.09
CA ILE A 112 -3.18 17.27 1.75
C ILE A 112 -1.85 16.89 2.36
N HIS A 113 -0.81 16.76 1.50
CA HIS A 113 0.56 16.40 1.91
C HIS A 113 1.47 17.61 1.70
N PRO A 114 1.85 18.33 2.74
CA PRO A 114 2.74 19.51 2.58
C PRO A 114 4.17 19.05 2.23
N LYS A 115 4.89 19.90 1.50
CA LYS A 115 6.30 19.66 1.20
C LYS A 115 7.15 19.75 2.47
N ASN A 116 6.89 20.74 3.32
CA ASN A 116 7.72 20.96 4.53
C ASN A 116 7.34 19.93 5.61
N PRO A 117 8.30 19.12 6.11
CA PRO A 117 7.99 18.15 7.19
C PRO A 117 7.39 18.79 8.43
N ASN A 118 7.58 20.09 8.61
CA ASN A 118 7.04 20.76 9.80
C ASN A 118 5.54 21.03 9.69
N ILE A 119 4.90 20.76 8.56
CA ILE A 119 3.44 20.83 8.45
C ILE A 119 2.89 19.42 8.31
N PRO A 120 1.97 18.99 9.16
CA PRO A 120 1.40 17.63 9.05
C PRO A 120 0.64 17.39 7.76
N THR A 121 0.64 16.12 7.33
CA THR A 121 -0.41 15.64 6.42
C THR A 121 -1.75 15.78 7.13
N SER A 122 -2.81 15.99 6.35
CA SER A 122 -4.15 16.09 6.96
C SER A 122 -5.20 15.55 5.99
N HIS A 123 -6.37 15.23 6.55
CA HIS A 123 -7.46 14.57 5.83
C HIS A 123 -8.78 15.05 6.38
N ALA A 124 -9.77 15.18 5.50
CA ALA A 124 -11.12 15.49 5.96
C ALA A 124 -12.13 14.86 5.00
N ASN A 125 -13.37 14.69 5.47
CA ASN A 125 -14.42 14.11 4.64
C ASN A 125 -15.75 14.58 5.23
N VAL A 126 -16.72 14.92 4.37
CA VAL A 126 -18.10 15.11 4.80
C VAL A 126 -18.99 14.55 3.69
N ARG A 127 -20.02 13.77 4.07
CA ARG A 127 -20.79 13.08 3.04
C ARG A 127 -22.18 12.74 3.55
N LEU A 128 -23.09 12.56 2.57
CA LEU A 128 -24.47 12.20 2.82
C LEU A 128 -24.84 11.02 1.93
N PHE A 129 -25.53 10.06 2.52
CA PHE A 129 -26.06 8.94 1.77
C PHE A 129 -27.58 8.95 1.89
N VAL A 130 -28.29 8.69 0.77
CA VAL A 130 -29.76 8.65 0.78
C VAL A 130 -30.24 7.46 -0.03
N ALA A 131 -31.12 6.64 0.56
CA ALA A 131 -31.74 5.51 -0.12
C ALA A 131 -33.24 5.72 -0.19
N GLU A 132 -33.81 5.61 -1.38
CA GLU A 132 -35.20 5.93 -1.61
C GLU A 132 -35.91 4.70 -2.14
N ARG A 133 -37.07 4.41 -1.57
CA ARG A 133 -37.95 3.35 -2.07
C ARG A 133 -39.35 3.91 -2.25
N GLU A 134 -40.10 3.30 -3.18
CA GLU A 134 -41.49 3.66 -3.38
C GLU A 134 -42.27 3.44 -2.08
N ASP A 135 -43.09 4.42 -1.71
CA ASP A 135 -43.99 4.33 -0.57
C ASP A 135 -43.27 4.18 0.76
N GLN A 136 -41.98 4.52 0.82
CA GLN A 136 -41.23 4.52 2.05
C GLN A 136 -40.54 5.87 2.17
N ASP A 137 -40.38 6.37 3.40
CA ASP A 137 -39.61 7.58 3.61
C ASP A 137 -38.16 7.27 3.25
N PRO A 138 -37.39 8.29 2.88
CA PRO A 138 -35.96 8.05 2.60
C PRO A 138 -35.22 7.58 3.85
N ILE A 139 -34.27 6.69 3.64
CA ILE A 139 -33.29 6.32 4.66
C ILE A 139 -32.03 7.10 4.33
N TRP A 140 -31.44 7.75 5.34
CA TRP A 140 -30.31 8.64 5.10
C TRP A 140 -29.39 8.62 6.30
N TRP A 141 -28.14 8.96 6.04
CA TRP A 141 -27.21 9.26 7.12
C TRP A 141 -26.02 10.04 6.58
N PHE A 142 -25.35 10.74 7.49
CA PHE A 142 -24.13 11.48 7.15
C PHE A 142 -22.92 10.77 7.73
N GLY A 143 -21.75 11.13 7.20
CA GLY A 143 -20.51 10.64 7.74
C GLY A 143 -19.43 11.70 7.52
N GLY A 144 -18.28 11.54 8.17
CA GLY A 144 -17.22 12.52 7.96
C GLY A 144 -16.26 12.61 9.12
N GLY A 145 -15.48 13.68 9.13
CA GLY A 145 -14.45 13.83 10.14
C GLY A 145 -13.27 14.60 9.59
N PHE A 146 -12.29 14.82 10.46
CA PHE A 146 -10.99 15.35 10.03
C PHE A 146 -9.92 14.82 10.97
N ASP A 147 -8.68 14.78 10.48
CA ASP A 147 -7.63 14.21 11.31
C ASP A 147 -6.27 14.72 10.83
N LEU A 148 -5.29 14.71 11.75
CA LEU A 148 -3.99 15.37 11.58
C LEU A 148 -2.91 14.32 11.72
N THR A 149 -1.95 14.31 10.75
CA THR A 149 -0.89 13.29 10.68
C THR A 149 0.48 13.96 10.70
N PRO A 150 1.03 14.29 11.89
CA PRO A 150 2.28 15.05 11.95
C PRO A 150 3.51 14.15 11.72
N PHE A 151 4.63 14.84 11.49
CA PHE A 151 5.96 14.25 11.40
C PHE A 151 6.84 14.80 12.50
N TYR A 152 6.81 16.12 12.70
CA TYR A 152 7.53 16.81 13.75
C TYR A 152 6.44 17.58 14.52
N PRO A 153 5.68 16.86 15.37
CA PRO A 153 4.53 17.48 16.03
C PRO A 153 4.92 18.66 16.91
N ASP A 154 3.98 19.58 17.01
CA ASP A 154 4.05 20.76 17.86
C ASP A 154 2.89 20.63 18.85
N ASP A 155 3.19 20.58 20.16
CA ASP A 155 2.17 20.36 21.18
CA ASP A 155 2.14 20.30 21.12
C ASP A 155 1.02 21.35 21.06
N GLN A 156 1.37 22.62 20.88
CA GLN A 156 0.34 23.64 20.80
C GLN A 156 -0.57 23.42 19.60
N ASP A 157 -0.01 22.98 18.46
CA ASP A 157 -0.88 22.76 17.30
C ASP A 157 -1.85 21.62 17.59
N VAL A 158 -1.40 20.57 18.30
CA VAL A 158 -2.29 19.46 18.58
C VAL A 158 -3.42 19.92 19.49
N LEU A 159 -3.08 20.73 20.50
CA LEU A 159 -4.11 21.26 21.39
C LEU A 159 -5.07 22.15 20.63
N ASN A 160 -4.57 23.03 19.75
CA ASN A 160 -5.47 23.93 19.03
C ASN A 160 -6.36 23.15 18.07
N TRP A 161 -5.82 22.11 17.42
CA TRP A 161 -6.63 21.26 16.55
C TRP A 161 -7.79 20.64 17.33
N HIS A 162 -7.47 20.01 18.46
CA HIS A 162 -8.52 19.41 19.28
C HIS A 162 -9.46 20.45 19.87
N GLN A 163 -8.95 21.63 20.26
CA GLN A 163 -9.87 22.66 20.78
C GLN A 163 -10.86 23.10 19.71
N ALA A 164 -10.39 23.23 18.46
CA ALA A 164 -11.29 23.60 17.36
C ALA A 164 -12.38 22.56 17.20
N ALA A 165 -12.03 21.28 17.29
CA ALA A 165 -13.02 20.21 17.21
C ALA A 165 -13.98 20.26 18.39
N TYR A 166 -13.46 20.45 19.61
CA TYR A 166 -14.33 20.53 20.78
C TYR A 166 -15.33 21.67 20.62
N ASP A 167 -14.84 22.85 20.18
CA ASP A 167 -15.69 24.03 20.10
C ASP A 167 -16.78 23.88 19.05
N LEU A 168 -16.46 23.26 17.90
CA LEU A 168 -17.50 23.10 16.87
C LEU A 168 -18.53 22.04 17.26
N CYS A 169 -18.12 21.05 18.06
CA CYS A 169 -19.05 20.02 18.49
C CYS A 169 -20.00 20.49 19.58
N LYS A 170 -19.56 21.45 20.40
CA LYS A 170 -20.28 21.83 21.62
C LYS A 170 -21.78 22.09 21.43
N PRO A 171 -22.22 22.85 20.43
CA PRO A 171 -23.67 23.13 20.34
C PRO A 171 -24.52 21.91 20.04
N PHE A 172 -23.92 20.82 19.55
CA PHE A 172 -24.68 19.64 19.22
C PHE A 172 -24.86 18.71 20.41
N GLY A 173 -24.15 18.96 21.51
CA GLY A 173 -24.24 18.12 22.69
C GLY A 173 -22.91 18.03 23.39
N ASP A 174 -22.96 17.92 24.71
CA ASP A 174 -21.75 17.92 25.53
C ASP A 174 -20.97 16.61 25.40
N ASN A 175 -21.52 15.61 24.73
CA ASN A 175 -20.89 14.31 24.54
C ASN A 175 -20.37 14.09 23.13
N VAL A 176 -20.63 15.02 22.20
CA VAL A 176 -20.35 14.77 20.79
C VAL A 176 -18.86 14.71 20.51
N TYR A 177 -18.09 15.68 20.99
CA TYR A 177 -16.65 15.64 20.78
C TYR A 177 -16.06 14.36 21.37
N ALA A 178 -16.44 14.02 22.62
CA ALA A 178 -15.84 12.82 23.21
C ALA A 178 -16.10 11.58 22.36
N GLU A 179 -17.32 11.44 21.84
CA GLU A 179 -17.64 10.23 21.07
C GLU A 179 -16.90 10.23 19.74
N HIS A 180 -16.91 11.35 19.03
CA HIS A 180 -16.33 11.38 17.68
C HIS A 180 -14.81 11.44 17.73
N LYS A 181 -14.24 11.97 18.81
CA LYS A 181 -12.80 11.96 19.02
C LYS A 181 -12.35 10.52 19.29
N LYS A 182 -13.06 9.80 20.16
CA LYS A 182 -12.73 8.40 20.42
C LYS A 182 -12.87 7.55 19.16
N TRP A 183 -13.94 7.79 18.39
CA TRP A 183 -14.14 7.04 17.16
C TRP A 183 -12.98 7.25 16.20
N CYS A 184 -12.48 8.49 16.09
CA CYS A 184 -11.32 8.75 15.25
C CYS A 184 -10.09 7.96 15.71
N ASP A 185 -9.82 7.95 17.03
CA ASP A 185 -8.69 7.17 17.55
C ASP A 185 -8.88 5.69 17.25
N ASP A 186 -10.10 5.16 17.42
CA ASP A 186 -10.31 3.72 17.22
C ASP A 186 -10.15 3.35 15.74
N TYR A 187 -10.62 4.23 14.85
CA TYR A 187 -10.61 3.91 13.42
C TYR A 187 -9.22 4.00 12.82
N PHE A 188 -8.52 5.09 13.12
CA PHE A 188 -7.20 5.35 12.52
C PHE A 188 -6.08 4.74 13.37
N TYR A 189 -6.08 3.40 13.40
CA TYR A 189 -5.10 2.61 14.13
C TYR A 189 -4.50 1.62 13.14
N LEU A 190 -3.18 1.58 13.07
CA LEU A 190 -2.49 0.63 12.19
C LEU A 190 -2.13 -0.58 13.01
N LYS A 191 -2.96 -1.62 12.92
CA LYS A 191 -2.81 -2.77 13.82
CA LYS A 191 -2.81 -2.77 13.82
C LYS A 191 -1.42 -3.38 13.71
N HIS A 192 -0.95 -3.59 12.46
CA HIS A 192 0.31 -4.35 12.34
C HIS A 192 1.54 -3.57 12.79
N ARG A 193 1.43 -2.24 12.94
CA ARG A 193 2.50 -1.41 13.50
C ARG A 193 2.25 -1.06 14.96
N ASP A 194 1.08 -1.38 15.50
CA ASP A 194 0.67 -0.90 16.84
C ASP A 194 0.93 0.60 17.00
N GLU A 195 0.47 1.38 16.03
CA GLU A 195 0.60 2.83 16.04
C GLU A 195 -0.73 3.44 15.64
N GLN A 196 -1.09 4.58 16.24
CA GLN A 196 -2.11 5.43 15.63
C GLN A 196 -1.58 6.00 14.31
N ARG A 197 -2.49 6.33 13.37
CA ARG A 197 -2.03 7.02 12.16
C ARG A 197 -1.55 8.44 12.46
N GLY A 198 -2.20 9.11 13.41
CA GLY A 198 -1.91 10.50 13.65
C GLY A 198 -2.32 10.90 15.07
N VAL A 199 -2.56 12.21 15.25
CA VAL A 199 -3.01 12.73 16.54
C VAL A 199 -4.52 12.92 16.58
N GLY A 200 -5.24 12.41 15.59
CA GLY A 200 -6.69 12.33 15.68
C GLY A 200 -7.42 13.57 15.28
N GLY A 201 -8.62 13.73 15.85
CA GLY A 201 -9.56 14.73 15.40
C GLY A 201 -10.95 14.17 15.60
N LEU A 202 -11.79 14.16 14.54
CA LEU A 202 -13.17 13.65 14.65
C LEU A 202 -13.40 12.61 13.55
N PHE A 203 -14.22 11.61 13.86
CA PHE A 203 -14.67 10.66 12.86
C PHE A 203 -16.06 10.19 13.24
N PHE A 204 -16.94 10.04 12.25
CA PHE A 204 -18.30 9.56 12.54
C PHE A 204 -18.91 8.99 11.26
N ASP A 205 -19.87 8.09 11.42
CA ASP A 205 -20.59 7.54 10.29
C ASP A 205 -21.98 7.24 10.80
N ASP A 206 -22.90 6.87 9.88
CA ASP A 206 -24.24 6.43 10.25
C ASP A 206 -24.96 7.51 11.06
N LEU A 207 -24.64 8.78 10.80
CA LEU A 207 -25.17 9.87 11.62
C LEU A 207 -26.56 10.25 11.13
N ASN A 208 -27.58 9.89 11.91
CA ASN A 208 -28.96 10.27 11.61
C ASN A 208 -29.80 10.36 12.89
N CYS A 209 -29.13 10.51 14.05
CA CYS A 209 -29.81 10.49 15.35
C CYS A 209 -30.40 11.84 15.72
N TRP A 210 -29.98 12.90 15.05
CA TRP A 210 -30.59 14.21 15.23
C TRP A 210 -31.46 14.48 14.00
N ASP A 211 -32.35 15.46 14.12
CA ASP A 211 -33.13 15.77 12.93
C ASP A 211 -32.20 16.13 11.78
N PHE A 212 -32.70 15.95 10.55
CA PHE A 212 -31.89 16.12 9.35
C PHE A 212 -31.13 17.44 9.33
N GLU A 213 -31.84 18.55 9.59
CA GLU A 213 -31.18 19.85 9.52
CA GLU A 213 -31.16 19.84 9.50
C GLU A 213 -30.05 19.98 10.55
N THR A 214 -30.23 19.41 11.74
CA THR A 214 -29.15 19.46 12.72
C THR A 214 -27.95 18.68 12.21
N CYS A 215 -28.19 17.51 11.57
CA CYS A 215 -27.07 16.72 11.03
C CYS A 215 -26.35 17.46 9.90
N PHE A 216 -27.11 18.16 9.03
CA PHE A 216 -26.49 18.95 7.96
C PHE A 216 -25.67 20.09 8.55
N LYS A 217 -26.22 20.77 9.57
CA LYS A 217 -25.43 21.80 10.27
C LYS A 217 -24.15 21.22 10.88
N TYR A 218 -24.18 19.97 11.34
CA TYR A 218 -22.96 19.36 11.88
C TYR A 218 -21.92 19.17 10.78
N ILE A 219 -22.29 18.59 9.63
CA ILE A 219 -21.28 18.42 8.60
C ILE A 219 -20.76 19.76 8.10
N GLN A 220 -21.59 20.82 8.14
CA GLN A 220 -21.07 22.14 7.80
C GLN A 220 -20.00 22.56 8.81
N ALA A 221 -20.30 22.37 10.11
CA ALA A 221 -19.36 22.77 11.16
C ALA A 221 -18.06 21.96 11.05
N VAL A 222 -18.16 20.67 10.71
CA VAL A 222 -16.96 19.83 10.60
C VAL A 222 -16.13 20.23 9.38
N GLY A 223 -16.78 20.41 8.21
CA GLY A 223 -16.05 20.77 7.00
C GLY A 223 -15.41 22.15 7.09
N ASN A 224 -16.19 23.14 7.49
CA ASN A 224 -15.63 24.48 7.72
C ASN A 224 -14.57 24.45 8.81
N GLY A 225 -14.79 23.62 9.83
CA GLY A 225 -13.85 23.54 10.93
C GLY A 225 -12.50 23.00 10.52
N TYR A 226 -12.48 22.04 9.58
CA TYR A 226 -11.20 21.56 9.05
C TYR A 226 -10.43 22.73 8.45
N LEU A 227 -11.09 23.52 7.59
CA LEU A 227 -10.36 24.59 6.90
C LEU A 227 -9.84 25.61 7.89
N ASN A 228 -10.68 26.01 8.86
CA ASN A 228 -10.27 27.07 9.77
C ASN A 228 -9.18 26.58 10.74
N ALA A 229 -9.09 25.26 10.98
CA ALA A 229 -8.05 24.73 11.86
C ALA A 229 -6.76 24.44 11.13
N ILE A 230 -6.83 24.08 9.84
CA ILE A 230 -5.59 23.68 9.15
C ILE A 230 -4.79 24.90 8.68
N LEU A 231 -5.46 25.98 8.28
CA LEU A 231 -4.71 27.12 7.75
C LEU A 231 -3.74 27.72 8.75
N PRO A 232 -4.08 27.92 10.01
CA PRO A 232 -3.10 28.44 10.96
C PRO A 232 -1.89 27.55 11.13
N ILE A 233 -2.04 26.22 10.92
CA ILE A 233 -0.90 25.33 11.08
C ILE A 233 0.04 25.50 9.88
N PHE A 234 -0.52 25.63 8.66
CA PHE A 234 0.30 26.01 7.52
C PHE A 234 1.03 27.32 7.79
N GLU A 235 0.29 28.34 8.21
CA GLU A 235 0.91 29.65 8.35
C GLU A 235 2.05 29.60 9.38
N LYS A 236 1.86 28.81 10.44
CA LYS A 236 2.84 28.79 11.51
C LYS A 236 4.18 28.23 11.04
N HIS A 237 4.16 27.22 10.17
CA HIS A 237 5.37 26.46 9.85
C HIS A 237 5.82 26.61 8.38
N ARG A 238 5.06 27.32 7.55
CA ARG A 238 5.37 27.36 6.12
C ARG A 238 6.84 27.66 5.85
N GLU A 239 7.41 28.68 6.53
CA GLU A 239 8.77 29.12 6.23
C GLU A 239 9.79 28.54 7.19
N GLN A 240 9.39 27.54 7.98
CA GLN A 240 10.28 27.01 9.00
C GLN A 240 11.29 26.07 8.37
N PRO A 241 12.59 26.30 8.56
CA PRO A 241 13.60 25.46 7.90
CA PRO A 241 13.60 25.45 7.91
C PRO A 241 13.53 24.02 8.41
N TYR A 242 14.04 23.11 7.57
CA TYR A 242 14.15 21.71 7.91
C TYR A 242 15.37 21.13 7.20
N THR A 243 15.87 20.03 7.76
CA THR A 243 17.09 19.38 7.28
C THR A 243 16.76 18.24 6.33
N GLU A 244 17.78 17.79 5.59
CA GLU A 244 17.63 16.62 4.75
C GLU A 244 17.21 15.38 5.56
N ALA A 245 17.74 15.24 6.79
CA ALA A 245 17.34 14.13 7.65
C ALA A 245 15.84 14.19 7.96
N GLN A 246 15.32 15.40 8.17
CA GLN A 246 13.90 15.54 8.48
C GLN A 246 13.05 15.22 7.24
N ARG A 247 13.52 15.60 6.06
CA ARG A 247 12.84 15.18 4.82
C ARG A 247 12.85 13.65 4.71
N GLU A 248 13.99 13.01 5.00
CA GLU A 248 14.01 11.55 4.92
C GLU A 248 13.06 10.91 5.92
N PHE A 249 12.97 11.47 7.14
CA PHE A 249 12.03 10.92 8.11
C PHE A 249 10.58 11.11 7.64
N GLN A 250 10.26 12.29 7.09
CA GLN A 250 8.92 12.51 6.53
C GLN A 250 8.59 11.46 5.47
N LEU A 251 9.53 11.18 4.53
CA LEU A 251 9.24 10.18 3.51
C LEU A 251 9.02 8.80 4.11
N TYR A 252 9.86 8.42 5.11
CA TYR A 252 9.68 7.15 5.83
C TYR A 252 8.29 7.10 6.53
N ARG A 253 7.90 8.19 7.20
CA ARG A 253 6.59 8.21 7.86
C ARG A 253 5.44 8.16 6.84
N ARG A 254 5.64 8.74 5.65
CA ARG A 254 4.60 8.63 4.62
C ARG A 254 4.37 7.19 4.19
N GLY A 255 5.38 6.31 4.32
CA GLY A 255 5.13 4.89 4.05
C GLY A 255 4.09 4.31 5.00
N ARG A 256 4.04 4.80 6.26
CA ARG A 256 3.00 4.36 7.19
C ARG A 256 1.62 4.80 6.71
N TYR A 257 1.56 6.02 6.14
CA TYR A 257 0.27 6.50 5.64
C TYR A 257 -0.23 5.61 4.51
N VAL A 258 0.66 5.23 3.57
CA VAL A 258 0.30 4.29 2.50
C VAL A 258 -0.16 2.94 3.09
N GLU A 259 0.55 2.44 4.11
CA GLU A 259 0.14 1.18 4.74
C GLU A 259 -1.27 1.28 5.30
N TYR A 260 -1.61 2.40 5.98
CA TYR A 260 -2.95 2.49 6.53
C TYR A 260 -3.98 2.46 5.39
N ASN A 261 -3.76 3.30 4.38
CA ASN A 261 -4.81 3.46 3.36
C ASN A 261 -5.01 2.20 2.55
N LEU A 262 -3.95 1.43 2.31
CA LEU A 262 -4.05 0.23 1.48
C LEU A 262 -4.39 -1.03 2.28
N VAL A 263 -4.18 -1.05 3.60
CA VAL A 263 -4.45 -2.22 4.41
C VAL A 263 -5.72 -2.07 5.26
N TYR A 264 -6.04 -0.85 5.74
CA TYR A 264 -7.13 -0.69 6.69
C TYR A 264 -8.25 0.25 6.23
N ASP A 265 -7.99 1.25 5.38
CA ASP A 265 -9.02 2.25 5.14
C ASP A 265 -10.21 1.63 4.38
N ARG A 266 -11.39 1.60 5.03
CA ARG A 266 -12.53 0.90 4.45
CA ARG A 266 -12.50 0.87 4.42
C ARG A 266 -12.98 1.52 3.14
N GLY A 267 -13.03 2.85 3.08
CA GLY A 267 -13.46 3.48 1.82
C GLY A 267 -12.52 3.21 0.66
N THR A 268 -11.21 3.27 0.90
CA THR A 268 -10.23 2.95 -0.15
C THR A 268 -10.40 1.51 -0.62
N LEU A 269 -10.45 0.57 0.32
CA LEU A 269 -10.51 -0.84 -0.07
C LEU A 269 -11.80 -1.15 -0.82
N PHE A 270 -12.93 -0.63 -0.34
CA PHE A 270 -14.20 -0.89 -1.02
C PHE A 270 -14.15 -0.33 -2.45
N GLY A 271 -13.58 0.88 -2.60
CA GLY A 271 -13.48 1.48 -3.93
C GLY A 271 -12.60 0.67 -4.86
N LEU A 272 -11.45 0.20 -4.38
CA LEU A 272 -10.59 -0.64 -5.23
C LEU A 272 -11.28 -1.95 -5.62
N GLN A 273 -12.09 -2.53 -4.72
CA GLN A 273 -12.66 -3.86 -4.94
C GLN A 273 -13.85 -3.81 -5.87
N THR A 274 -14.57 -2.68 -5.90
CA THR A 274 -15.83 -2.59 -6.63
C THR A 274 -15.74 -1.73 -7.88
N GLY A 275 -14.54 -1.48 -8.40
CA GLY A 275 -14.43 -0.75 -9.64
C GLY A 275 -14.76 0.73 -9.55
N GLY A 276 -14.41 1.36 -8.44
CA GLY A 276 -14.54 2.80 -8.30
C GLY A 276 -13.53 3.53 -9.18
N ARG A 277 -13.51 4.86 -9.03
CA ARG A 277 -12.63 5.68 -9.89
C ARG A 277 -11.24 5.67 -9.28
N ILE A 278 -10.41 4.72 -9.73
CA ILE A 278 -9.16 4.38 -9.03
C ILE A 278 -8.27 5.61 -8.85
N GLU A 279 -8.10 6.41 -9.90
CA GLU A 279 -7.19 7.56 -9.77
C GLU A 279 -7.67 8.57 -8.73
N SER A 280 -9.00 8.77 -8.61
CA SER A 280 -9.50 9.65 -7.56
C SER A 280 -9.35 9.02 -6.19
N ILE A 281 -9.66 7.71 -6.07
CA ILE A 281 -9.50 7.03 -4.78
C ILE A 281 -8.06 7.17 -4.25
N LEU A 282 -7.08 6.88 -5.13
CA LEU A 282 -5.69 6.82 -4.66
C LEU A 282 -4.96 8.16 -4.72
N VAL A 283 -5.69 9.27 -4.92
CA VAL A 283 -5.09 10.58 -4.74
C VAL A 283 -4.61 10.77 -3.30
N SER A 284 -5.13 9.98 -2.37
CA SER A 284 -4.74 10.11 -0.97
C SER A 284 -3.28 9.70 -0.74
N LEU A 285 -2.67 8.91 -1.67
CA LEU A 285 -1.31 8.46 -1.46
C LEU A 285 -0.36 9.61 -1.78
N PRO A 286 0.67 9.82 -0.96
CA PRO A 286 1.60 10.92 -1.20
C PRO A 286 2.38 10.74 -2.50
N ASN A 287 3.00 11.84 -2.95
CA ASN A 287 3.77 11.77 -4.19
C ASN A 287 5.00 10.86 -4.09
N LEU A 288 5.57 10.79 -2.89
CA LEU A 288 6.78 10.02 -2.63
CA LEU A 288 6.79 10.03 -2.62
C LEU A 288 6.68 9.49 -1.21
N ALA A 289 7.05 8.21 -1.06
CA ALA A 289 7.10 7.58 0.26
C ALA A 289 8.27 6.60 0.27
N ALA A 290 8.78 6.31 1.46
CA ALA A 290 9.95 5.45 1.64
C ALA A 290 9.65 4.30 2.60
N TRP A 291 10.39 3.20 2.41
CA TRP A 291 10.40 2.09 3.37
C TRP A 291 11.85 1.66 3.60
N SER A 292 12.19 1.40 4.86
CA SER A 292 13.52 0.91 5.14
CA SER A 292 13.54 1.01 5.24
C SER A 292 13.45 -0.19 6.17
N TYR A 293 14.51 -1.00 6.22
CA TYR A 293 14.53 -2.19 7.09
C TYR A 293 15.14 -1.84 8.45
N ARG A 294 14.31 -1.95 9.49
CA ARG A 294 14.74 -1.85 10.89
C ARG A 294 15.56 -0.59 11.22
N PRO A 295 15.05 0.59 10.90
CA PRO A 295 15.71 1.82 11.36
C PRO A 295 15.58 1.97 12.87
N GLU A 296 16.51 2.71 13.45
CA GLU A 296 16.53 2.99 14.88
C GLU A 296 16.70 4.48 15.08
N TRP A 297 16.07 5.04 16.11
CA TRP A 297 16.32 6.42 16.49
C TRP A 297 16.64 6.48 17.97
N ASP A 298 17.35 7.54 18.38
CA ASP A 298 17.83 7.61 19.74
C ASP A 298 16.70 7.95 20.69
N GLU A 299 16.90 7.57 21.96
CA GLU A 299 15.85 7.70 22.97
C GLU A 299 15.29 9.11 23.07
N ASP A 300 16.13 10.14 23.00
CA ASP A 300 15.59 11.48 23.24
C ASP A 300 15.15 12.21 21.98
N SER A 301 15.05 11.51 20.84
CA SER A 301 14.87 12.22 19.59
C SER A 301 13.40 12.56 19.35
N PRO A 302 13.15 13.63 18.58
CA PRO A 302 11.75 13.89 18.16
C PRO A 302 11.19 12.76 17.32
N GLU A 303 12.04 12.07 16.54
CA GLU A 303 11.52 10.97 15.72
C GLU A 303 10.97 9.85 16.59
N LYS A 304 11.67 9.51 17.69
CA LYS A 304 11.17 8.49 18.60
C LYS A 304 9.97 8.97 19.39
N ARG A 305 9.95 10.25 19.81
CA ARG A 305 8.83 10.79 20.56
C ARG A 305 7.55 10.80 19.73
N LEU A 306 7.66 10.89 18.39
CA LEU A 306 6.46 10.84 17.56
C LEU A 306 5.68 9.58 17.86
N THR A 307 6.37 8.41 17.89
CA THR A 307 5.63 7.15 18.12
C THR A 307 5.47 6.82 19.61
N ASP A 308 6.42 7.22 20.46
CA ASP A 308 6.27 6.89 21.86
C ASP A 308 5.16 7.69 22.53
N TYR A 309 4.99 8.95 22.12
CA TYR A 309 4.01 9.85 22.75
C TYR A 309 2.84 10.18 21.84
N TYR A 310 3.08 10.78 20.65
CA TYR A 310 1.97 11.40 19.93
C TYR A 310 1.07 10.41 19.22
N LEU A 311 1.61 9.27 18.75
CA LEU A 311 0.82 8.30 17.99
C LEU A 311 0.30 7.18 18.86
N LYS A 312 -0.14 7.56 20.07
CA LYS A 312 -1.00 6.76 20.94
C LYS A 312 -2.19 7.65 21.24
N PRO A 313 -3.34 7.07 21.62
CA PRO A 313 -4.50 7.91 21.96
C PRO A 313 -4.15 8.71 23.20
N ARG A 314 -4.43 10.01 23.17
CA ARG A 314 -4.12 10.87 24.32
C ARG A 314 -5.30 11.76 24.62
N ASP A 315 -5.44 12.10 25.90
CA ASP A 315 -6.51 13.03 26.32
C ASP A 315 -5.98 14.46 26.21
N TRP A 316 -5.88 14.92 24.96
CA TRP A 316 -5.18 16.18 24.70
C TRP A 316 -5.76 17.35 25.51
N LEU A 317 -7.07 17.40 25.63
CA LEU A 317 -7.71 18.55 26.27
C LEU A 317 -7.86 18.37 27.77
N GLY A 318 -7.43 17.24 28.32
CA GLY A 318 -7.58 17.00 29.75
C GLY A 318 -9.02 16.87 30.20
N LEU A 319 -9.88 16.25 29.39
CA LEU A 319 -11.29 16.09 29.73
C LEU A 319 -11.53 14.99 30.75
N GLU A 320 -10.63 14.03 30.88
CA GLU A 320 -10.86 12.88 31.73
C GLU A 320 -10.07 12.99 33.02
N GLN B 10 7.65 -42.97 4.49
CA GLN B 10 7.94 -42.28 5.74
C GLN B 10 8.59 -40.92 5.48
N HIS B 11 8.91 -40.64 4.22
CA HIS B 11 9.42 -39.32 3.82
C HIS B 11 8.28 -38.30 3.85
N PRO B 12 8.58 -37.07 4.26
CA PRO B 12 9.88 -36.59 4.73
C PRO B 12 10.18 -36.94 6.17
N THR B 13 11.39 -37.48 6.39
CA THR B 13 11.89 -37.75 7.72
C THR B 13 12.45 -36.46 8.32
N SER B 14 12.94 -36.53 9.56
CA SER B 14 13.61 -35.35 10.08
C SER B 14 14.93 -35.10 9.33
N THR B 15 15.58 -36.17 8.89
CA THR B 15 16.76 -36.04 8.04
C THR B 15 16.43 -35.34 6.74
N ASP B 16 15.26 -35.63 6.17
CA ASP B 16 14.88 -34.93 4.95
C ASP B 16 14.69 -33.45 5.21
N ILE B 17 14.05 -33.09 6.33
CA ILE B 17 13.86 -31.66 6.63
C ILE B 17 15.20 -30.97 6.76
N GLN B 18 16.16 -31.65 7.38
CA GLN B 18 17.48 -31.07 7.55
C GLN B 18 18.21 -30.91 6.21
N ARG B 19 18.07 -31.87 5.28
CA ARG B 19 18.58 -31.67 3.92
C ARG B 19 17.96 -30.43 3.24
N VAL B 20 16.65 -30.27 3.39
CA VAL B 20 16.01 -29.09 2.80
C VAL B 20 16.53 -27.81 3.45
N ARG B 21 16.68 -27.82 4.77
CA ARG B 21 17.18 -26.65 5.48
C ARG B 21 18.60 -26.29 5.02
N GLU B 22 19.46 -27.28 4.83
CA GLU B 22 20.82 -26.99 4.41
C GLU B 22 20.85 -26.46 3.00
N PHE B 23 19.99 -27.01 2.13
CA PHE B 23 19.88 -26.45 0.80
C PHE B 23 19.47 -24.99 0.84
N LEU B 24 18.44 -24.68 1.63
CA LEU B 24 17.92 -23.30 1.68
C LEU B 24 18.96 -22.32 2.20
N LEU B 25 19.69 -22.69 3.28
CA LEU B 25 20.71 -21.79 3.80
C LEU B 25 21.83 -21.57 2.79
N ASP B 26 22.26 -22.64 2.10
CA ASP B 26 23.29 -22.47 1.09
C ASP B 26 22.78 -21.65 -0.10
N LEU B 27 21.52 -21.84 -0.47
CA LEU B 27 20.95 -21.04 -1.57
C LEU B 27 20.95 -19.55 -1.19
N GLN B 28 20.52 -19.22 0.05
CA GLN B 28 20.57 -17.83 0.50
C GLN B 28 21.99 -17.26 0.40
N ALA B 29 22.98 -18.05 0.83
CA ALA B 29 24.37 -17.59 0.77
C ALA B 29 24.81 -17.32 -0.66
N ARG B 30 24.48 -18.26 -1.58
CA ARG B 30 24.93 -18.13 -2.96
C ARG B 30 24.21 -16.99 -3.70
N ILE B 31 22.92 -16.76 -3.39
CA ILE B 31 22.22 -15.64 -4.02
C ILE B 31 22.82 -14.32 -3.55
N CYS B 32 23.05 -14.18 -2.24
CA CYS B 32 23.65 -12.94 -1.75
C CYS B 32 25.03 -12.72 -2.36
N ALA B 33 25.82 -13.79 -2.45
CA ALA B 33 27.17 -13.64 -3.02
C ALA B 33 27.11 -13.24 -4.48
N GLY B 34 26.21 -13.86 -5.25
CA GLY B 34 26.11 -13.51 -6.66
C GLY B 34 25.68 -12.08 -6.90
N LEU B 35 24.68 -11.65 -6.14
CA LEU B 35 24.22 -10.27 -6.28
C LEU B 35 25.26 -9.30 -5.75
N GLU B 36 25.97 -9.67 -4.67
CA GLU B 36 27.01 -8.79 -4.15
C GLU B 36 28.11 -8.59 -5.18
N GLN B 37 28.40 -9.61 -6.00
CA GLN B 37 29.40 -9.44 -7.04
CA GLN B 37 29.38 -9.46 -7.06
C GLN B 37 28.97 -8.36 -8.03
N GLN B 38 27.65 -8.28 -8.31
CA GLN B 38 27.17 -7.20 -9.18
C GLN B 38 27.31 -5.84 -8.51
N GLU B 39 26.98 -5.76 -7.21
CA GLU B 39 27.17 -4.51 -6.49
C GLU B 39 28.61 -4.02 -6.59
N LYS B 40 29.56 -4.93 -6.36
CA LYS B 40 30.97 -4.54 -6.42
CA LYS B 40 30.97 -4.52 -6.42
C LYS B 40 31.40 -4.23 -7.85
N ALA B 41 30.89 -4.99 -8.82
CA ALA B 41 31.22 -4.69 -10.22
C ALA B 41 30.84 -3.27 -10.61
N GLY B 42 29.76 -2.75 -10.04
CA GLY B 42 29.35 -1.38 -10.31
C GLY B 42 29.97 -0.35 -9.39
N GLY B 43 30.97 -0.72 -8.59
CA GLY B 43 31.66 0.26 -7.76
C GLY B 43 31.04 0.45 -6.41
N GLY B 44 30.07 -0.39 -6.04
CA GLY B 44 29.40 -0.29 -4.77
C GLY B 44 30.10 -1.04 -3.67
N THR B 45 29.69 -0.75 -2.42
CA THR B 45 30.23 -1.46 -1.26
C THR B 45 29.13 -1.99 -0.35
N ALA B 46 27.86 -1.82 -0.70
CA ALA B 46 26.80 -2.29 0.18
C ALA B 46 26.77 -3.81 0.17
N GLU B 47 26.41 -4.40 1.31
CA GLU B 47 26.37 -5.83 1.51
C GLU B 47 24.99 -6.26 2.02
N PHE B 48 24.67 -7.54 1.83
CA PHE B 48 23.48 -8.16 2.43
C PHE B 48 23.79 -8.49 3.88
N ILE B 49 23.50 -7.54 4.77
CA ILE B 49 23.86 -7.66 6.19
C ILE B 49 23.00 -8.71 6.87
N ILE B 50 23.64 -9.55 7.70
CA ILE B 50 22.94 -10.62 8.40
C ILE B 50 22.23 -10.09 9.66
N ASP B 51 20.95 -10.47 9.81
CA ASP B 51 20.13 -10.21 11.02
C ASP B 51 19.57 -11.58 11.40
N ASP B 52 20.17 -12.24 12.39
CA ASP B 52 19.65 -13.51 12.86
C ASP B 52 18.67 -13.28 14.00
N TRP B 53 17.57 -14.04 14.00
CA TRP B 53 16.49 -13.85 14.97
C TRP B 53 15.88 -15.20 15.36
N GLU B 54 15.26 -15.22 16.54
CA GLU B 54 14.63 -16.43 17.05
C GLU B 54 13.19 -16.09 17.43
N ARG B 55 12.33 -17.11 17.44
CA ARG B 55 10.93 -16.93 17.83
C ARG B 55 10.64 -17.83 19.03
N PRO B 56 10.04 -17.31 20.12
CA PRO B 56 9.82 -18.16 21.32
C PRO B 56 9.13 -19.48 21.02
N GLU B 57 8.10 -19.48 20.15
CA GLU B 57 7.42 -20.72 19.79
C GLU B 57 8.35 -21.75 19.17
N GLY B 58 9.56 -21.36 18.77
CA GLY B 58 10.56 -22.29 18.28
C GLY B 58 11.09 -21.93 16.91
N GLY B 59 12.38 -22.09 16.69
CA GLY B 59 12.96 -21.74 15.40
C GLY B 59 13.26 -20.25 15.32
N GLY B 60 13.35 -19.78 14.08
CA GLY B 60 13.72 -18.40 13.80
C GLY B 60 14.14 -18.25 12.36
N GLY B 61 15.02 -17.27 12.10
CA GLY B 61 15.39 -17.03 10.71
C GLY B 61 16.69 -16.28 10.59
N ARG B 62 17.17 -16.18 9.35
CA ARG B 62 18.31 -15.35 9.00
C ARG B 62 17.84 -14.42 7.89
N SER B 63 17.75 -13.12 8.20
CA SER B 63 17.41 -12.10 7.20
C SER B 63 18.71 -11.48 6.67
N ARG B 64 18.84 -11.34 5.37
CA ARG B 64 20.02 -10.68 4.81
C ARG B 64 19.54 -9.53 3.93
N VAL B 65 19.87 -8.31 4.32
CA VAL B 65 19.26 -7.12 3.72
C VAL B 65 20.36 -6.15 3.31
N LEU B 66 20.31 -5.76 2.04
CA LEU B 66 21.21 -4.76 1.46
C LEU B 66 20.41 -3.48 1.27
N GLN B 67 20.90 -2.37 1.85
CA GLN B 67 20.26 -1.07 1.69
C GLN B 67 21.23 -0.04 1.16
N ASN B 68 20.69 0.92 0.42
CA ASN B 68 21.45 2.09 -0.04
C ASN B 68 22.59 1.69 -0.97
N GLY B 69 22.39 0.65 -1.80
CA GLY B 69 23.45 0.23 -2.69
C GLY B 69 23.54 1.04 -3.97
N THR B 70 24.67 0.85 -4.65
CA THR B 70 24.95 1.51 -5.93
C THR B 70 24.26 0.79 -7.09
N VAL B 71 24.23 -0.54 -7.04
CA VAL B 71 23.61 -1.38 -8.08
C VAL B 71 22.32 -2.03 -7.56
N ILE B 72 22.38 -2.65 -6.38
CA ILE B 72 21.17 -3.09 -5.71
CA ILE B 72 21.19 -3.11 -5.68
C ILE B 72 20.73 -1.97 -4.79
N GLU B 73 19.63 -1.29 -5.16
CA GLU B 73 19.22 -0.16 -4.31
C GLU B 73 18.65 -0.68 -2.98
N LYS B 74 17.88 -1.78 -3.02
CA LYS B 74 17.38 -2.46 -1.82
C LYS B 74 17.16 -3.91 -2.18
N GLY B 75 17.59 -4.83 -1.31
CA GLY B 75 17.33 -6.23 -1.56
C GLY B 75 17.23 -6.98 -0.26
N GLY B 76 16.32 -7.95 -0.15
CA GLY B 76 16.25 -8.81 0.99
C GLY B 76 16.22 -10.26 0.54
N VAL B 77 17.03 -11.11 1.16
CA VAL B 77 17.06 -12.55 0.88
C VAL B 77 16.84 -13.18 2.25
N MET B 78 15.64 -13.73 2.47
CA MET B 78 15.13 -13.99 3.82
C MET B 78 14.91 -15.48 4.05
N PHE B 79 15.61 -16.08 5.01
CA PHE B 79 15.42 -17.46 5.37
C PHE B 79 14.66 -17.55 6.69
N SER B 80 13.73 -18.51 6.79
CA SER B 80 13.14 -18.80 8.09
C SER B 80 12.81 -20.28 8.20
N HIS B 81 12.80 -20.77 9.43
CA HIS B 81 12.43 -22.15 9.71
C HIS B 81 11.83 -22.13 11.11
N ILE B 82 10.51 -22.25 11.18
CA ILE B 82 9.76 -21.99 12.41
C ILE B 82 8.73 -23.07 12.66
N ASN B 83 8.25 -23.14 13.91
CA ASN B 83 7.03 -23.88 14.22
C ASN B 83 5.83 -23.00 13.91
N ILE B 84 4.83 -23.55 13.22
CA ILE B 84 3.68 -22.80 12.74
C ILE B 84 2.48 -23.19 13.58
N SER B 85 1.71 -22.19 14.05
CA SER B 85 0.47 -22.40 14.79
C SER B 85 -0.75 -21.81 14.10
N LYS B 86 -0.61 -20.71 13.38
CA LYS B 86 -1.69 -20.13 12.58
C LYS B 86 -1.42 -20.40 11.10
N LEU B 87 -2.42 -20.91 10.41
CA LEU B 87 -2.34 -21.08 8.96
C LEU B 87 -3.51 -20.34 8.32
N PRO B 88 -3.37 -19.92 7.07
CA PRO B 88 -4.50 -19.28 6.39
C PRO B 88 -5.65 -20.25 6.20
N ALA B 89 -6.86 -19.68 6.08
CA ALA B 89 -8.05 -20.51 5.92
C ALA B 89 -7.91 -21.46 4.73
N SER B 90 -7.27 -21.00 3.65
CA SER B 90 -7.18 -21.82 2.45
C SER B 90 -6.32 -23.06 2.69
N ALA B 91 -5.26 -22.94 3.50
CA ALA B 91 -4.37 -24.08 3.71
C ALA B 91 -5.08 -25.20 4.46
N THR B 92 -5.84 -24.84 5.50
CA THR B 92 -6.63 -25.85 6.19
C THR B 92 -7.80 -26.32 5.32
N GLU B 93 -8.28 -25.49 4.40
CA GLU B 93 -9.33 -25.92 3.48
C GLU B 93 -8.80 -26.92 2.45
N ARG B 94 -7.65 -26.64 1.84
CA ARG B 94 -7.08 -27.56 0.85
C ARG B 94 -6.55 -28.83 1.51
N HIS B 95 -6.08 -28.76 2.75
CA HIS B 95 -5.49 -29.89 3.46
C HIS B 95 -6.15 -30.01 4.82
N PRO B 96 -7.36 -30.55 4.89
CA PRO B 96 -8.11 -30.51 6.15
C PRO B 96 -7.53 -31.36 7.27
N GLN B 97 -6.66 -32.32 6.96
CA GLN B 97 -6.07 -33.15 8.01
C GLN B 97 -5.06 -32.40 8.86
N ILE B 98 -4.55 -31.26 8.39
CA ILE B 98 -3.54 -30.55 9.17
C ILE B 98 -4.12 -29.94 10.43
N ALA B 99 -5.45 -29.82 10.50
CA ALA B 99 -6.10 -29.31 11.69
C ALA B 99 -5.65 -30.07 12.93
N GLY B 100 -5.06 -29.35 13.88
CA GLY B 100 -4.62 -29.93 15.14
C GLY B 100 -3.26 -30.59 15.15
N ALA B 101 -2.45 -30.40 14.12
CA ALA B 101 -1.13 -31.03 14.07
C ALA B 101 -0.05 -30.03 14.48
N LYS B 102 1.06 -30.57 15.00
CA LYS B 102 2.28 -29.78 15.09
C LYS B 102 2.81 -29.59 13.68
N ALA B 103 3.23 -28.37 13.37
CA ALA B 103 3.65 -28.08 12.01
C ALA B 103 4.90 -27.21 12.02
N GLN B 104 5.62 -27.27 10.91
CA GLN B 104 6.74 -26.37 10.73
C GLN B 104 6.82 -25.98 9.27
N ALA B 105 7.54 -24.89 9.02
CA ALA B 105 7.66 -24.37 7.68
C ALA B 105 9.06 -23.77 7.56
N LEU B 106 9.65 -23.94 6.40
CA LEU B 106 10.99 -23.43 6.17
C LEU B 106 11.09 -22.98 4.72
N GLY B 107 11.78 -21.86 4.49
CA GLY B 107 11.90 -21.41 3.12
C GLY B 107 12.81 -20.20 2.99
N VAL B 108 13.02 -19.82 1.74
CA VAL B 108 13.73 -18.59 1.37
C VAL B 108 12.81 -17.74 0.50
N SER B 109 12.71 -16.45 0.82
CA SER B 109 11.94 -15.50 0.00
CA SER B 109 12.03 -15.58 -0.12
C SER B 109 12.84 -14.31 -0.30
N LEU B 110 12.75 -13.72 -1.48
CA LEU B 110 13.62 -12.59 -1.76
C LEU B 110 12.90 -11.62 -2.68
N VAL B 111 13.26 -10.34 -2.53
CA VAL B 111 12.84 -9.30 -3.47
C VAL B 111 14.02 -8.37 -3.66
N ILE B 112 14.41 -8.13 -4.94
CA ILE B 112 15.60 -7.32 -5.25
C ILE B 112 15.14 -6.16 -6.12
N HIS B 113 15.45 -4.91 -5.68
CA HIS B 113 15.09 -3.69 -6.40
C HIS B 113 16.38 -3.02 -6.86
N PRO B 114 16.72 -3.10 -8.15
CA PRO B 114 17.96 -2.46 -8.63
C PRO B 114 17.81 -0.93 -8.67
N LYS B 115 18.95 -0.24 -8.52
CA LYS B 115 18.97 1.21 -8.66
C LYS B 115 18.69 1.62 -10.10
N ASN B 116 19.26 0.91 -11.08
CA ASN B 116 19.14 1.28 -12.49
C ASN B 116 17.78 0.84 -13.03
N PRO B 117 16.95 1.77 -13.56
CA PRO B 117 15.65 1.37 -14.13
C PRO B 117 15.77 0.34 -15.24
N ASN B 118 16.95 0.20 -15.86
CA ASN B 118 17.09 -0.80 -16.91
C ASN B 118 17.21 -2.23 -16.39
N ILE B 119 17.30 -2.44 -15.09
CA ILE B 119 17.28 -3.79 -14.52
C ILE B 119 15.95 -3.99 -13.79
N PRO B 120 15.18 -5.04 -14.09
CA PRO B 120 13.87 -5.22 -13.43
C PRO B 120 14.00 -5.49 -11.95
N THR B 121 12.95 -5.10 -11.19
CA THR B 121 12.73 -5.71 -9.89
C THR B 121 12.49 -7.21 -10.09
N SER B 122 12.83 -8.03 -9.11
CA SER B 122 12.59 -9.47 -9.23
C SER B 122 12.32 -10.06 -7.85
N HIS B 123 11.69 -11.25 -7.88
CA HIS B 123 11.20 -11.91 -6.68
C HIS B 123 11.34 -13.41 -6.86
N ALA B 124 11.64 -14.11 -5.77
CA ALA B 124 11.67 -15.57 -5.82
C ALA B 124 11.31 -16.11 -4.44
N ASN B 125 10.88 -17.38 -4.39
CA ASN B 125 10.53 -17.99 -3.13
C ASN B 125 10.63 -19.50 -3.34
N VAL B 126 11.14 -20.21 -2.35
CA VAL B 126 11.00 -21.67 -2.32
C VAL B 126 10.77 -22.07 -0.86
N ARG B 127 9.82 -22.97 -0.62
CA ARG B 127 9.47 -23.26 0.76
C ARG B 127 8.86 -24.66 0.87
N LEU B 128 8.91 -25.18 2.09
CA LEU B 128 8.31 -26.46 2.46
C LEU B 128 7.51 -26.31 3.75
N PHE B 129 6.35 -26.95 3.78
CA PHE B 129 5.50 -27.04 4.95
C PHE B 129 5.35 -28.51 5.31
N VAL B 130 5.43 -28.84 6.61
CA VAL B 130 5.25 -30.22 7.06
C VAL B 130 4.40 -30.22 8.32
N ALA B 131 3.36 -31.05 8.35
CA ALA B 131 2.49 -31.21 9.50
C ALA B 131 2.50 -32.67 9.92
N GLU B 132 2.87 -32.91 11.18
CA GLU B 132 3.08 -34.26 11.72
C GLU B 132 2.03 -34.56 12.78
N PRO B 138 3.35 -37.84 7.71
CA PRO B 138 3.08 -36.39 7.69
C PRO B 138 2.46 -35.87 6.39
N ILE B 139 1.72 -34.78 6.51
CA ILE B 139 1.19 -34.00 5.38
C ILE B 139 2.21 -32.92 5.08
N TRP B 140 2.57 -32.78 3.80
CA TRP B 140 3.64 -31.85 3.43
C TRP B 140 3.32 -31.29 2.06
N TRP B 141 3.85 -30.12 1.77
CA TRP B 141 3.81 -29.59 0.42
C TRP B 141 4.86 -28.50 0.26
N PHE B 142 5.33 -28.33 -0.97
CA PHE B 142 6.23 -27.23 -1.32
C PHE B 142 5.47 -26.11 -2.02
N GLY B 143 6.11 -24.94 -2.04
CA GLY B 143 5.58 -23.80 -2.77
C GLY B 143 6.76 -22.97 -3.25
N GLY B 144 6.50 -22.09 -4.22
CA GLY B 144 7.58 -21.22 -4.66
C GLY B 144 7.35 -20.68 -6.06
N GLY B 145 8.44 -20.18 -6.64
CA GLY B 145 8.40 -19.59 -7.96
C GLY B 145 9.39 -18.45 -8.08
N PHE B 146 9.39 -17.83 -9.25
CA PHE B 146 10.14 -16.59 -9.48
C PHE B 146 9.43 -15.76 -10.52
N ASP B 147 9.67 -14.44 -10.50
CA ASP B 147 8.97 -13.56 -11.42
C ASP B 147 9.76 -12.28 -11.58
N LEU B 148 9.54 -11.63 -12.75
CA LEU B 148 10.35 -10.50 -13.19
C LEU B 148 9.44 -9.29 -13.39
N THR B 149 9.84 -8.12 -12.83
CA THR B 149 9.00 -6.92 -12.85
C THR B 149 9.77 -5.79 -13.52
N PRO B 150 9.71 -5.67 -14.86
CA PRO B 150 10.51 -4.65 -15.54
C PRO B 150 9.88 -3.27 -15.49
N PHE B 151 10.72 -2.30 -15.84
CA PHE B 151 10.33 -0.90 -16.07
C PHE B 151 10.55 -0.51 -17.50
N TYR B 152 11.72 -0.89 -18.07
CA TYR B 152 12.07 -0.67 -19.46
C TYR B 152 12.39 -2.07 -20.02
N PRO B 153 11.36 -2.85 -20.33
CA PRO B 153 11.60 -4.24 -20.72
C PRO B 153 12.41 -4.36 -21.99
N ASP B 154 13.12 -5.48 -22.07
CA ASP B 154 13.96 -5.86 -23.18
C ASP B 154 13.40 -7.21 -23.62
N ASP B 155 12.93 -7.29 -24.89
CA ASP B 155 12.29 -8.50 -25.41
CA ASP B 155 12.25 -8.51 -25.33
C ASP B 155 13.16 -9.73 -25.21
N GLN B 156 14.45 -9.62 -25.54
CA GLN B 156 15.32 -10.79 -25.42
CA GLN B 156 15.34 -10.78 -25.42
C GLN B 156 15.43 -11.25 -23.97
N ASP B 157 15.47 -10.30 -23.01
CA ASP B 157 15.53 -10.72 -21.61
C ASP B 157 14.28 -11.47 -21.20
N VAL B 158 13.09 -11.02 -21.66
CA VAL B 158 11.86 -11.70 -21.27
C VAL B 158 11.87 -13.13 -21.83
N LEU B 159 12.30 -13.28 -23.09
CA LEU B 159 12.36 -14.61 -23.71
C LEU B 159 13.36 -15.49 -22.98
N ASN B 160 14.54 -14.94 -22.62
CA ASN B 160 15.56 -15.74 -21.92
C ASN B 160 15.08 -16.17 -20.54
N TRP B 161 14.37 -15.26 -19.83
CA TRP B 161 13.82 -15.60 -18.53
C TRP B 161 12.84 -16.77 -18.64
N HIS B 162 11.90 -16.67 -19.59
CA HIS B 162 10.94 -17.75 -19.80
C HIS B 162 11.58 -19.03 -20.32
N GLN B 163 12.60 -18.92 -21.19
CA GLN B 163 13.28 -20.13 -21.64
C GLN B 163 14.00 -20.81 -20.49
N ALA B 164 14.62 -20.02 -19.59
CA ALA B 164 15.25 -20.63 -18.41
C ALA B 164 14.25 -21.41 -17.57
N ALA B 165 13.05 -20.82 -17.38
CA ALA B 165 11.99 -21.50 -16.64
C ALA B 165 11.54 -22.77 -17.38
N TYR B 166 11.33 -22.66 -18.69
CA TYR B 166 10.92 -23.82 -19.48
C TYR B 166 11.94 -24.95 -19.34
N ASP B 167 13.21 -24.61 -19.46
CA ASP B 167 14.26 -25.63 -19.45
C ASP B 167 14.38 -26.32 -18.09
N LEU B 168 14.22 -25.57 -16.98
CA LEU B 168 14.37 -26.22 -15.68
C LEU B 168 13.15 -27.08 -15.37
N CYS B 169 11.98 -26.72 -15.90
CA CYS B 169 10.76 -27.52 -15.67
C CYS B 169 10.75 -28.82 -16.47
N LYS B 170 11.41 -28.85 -17.61
CA LYS B 170 11.30 -29.97 -18.55
C LYS B 170 11.44 -31.37 -17.92
N PRO B 171 12.45 -31.65 -17.09
CA PRO B 171 12.60 -33.05 -16.57
C PRO B 171 11.47 -33.48 -15.68
N PHE B 172 10.69 -32.53 -15.14
CA PHE B 172 9.60 -32.88 -14.25
C PHE B 172 8.31 -33.23 -15.00
N GLY B 173 8.21 -32.87 -16.27
CA GLY B 173 7.02 -33.17 -17.06
C GLY B 173 6.82 -32.10 -18.12
N ASP B 174 6.26 -32.55 -19.27
CA ASP B 174 6.09 -31.65 -20.40
C ASP B 174 5.00 -30.62 -20.17
N ASN B 175 4.24 -30.72 -19.08
CA ASN B 175 3.18 -29.80 -18.74
C ASN B 175 3.52 -28.87 -17.58
N VAL B 176 4.69 -29.03 -16.96
CA VAL B 176 4.95 -28.32 -15.73
C VAL B 176 5.13 -26.83 -15.97
N TYR B 177 5.94 -26.46 -16.97
CA TYR B 177 6.11 -25.03 -17.26
C TYR B 177 4.75 -24.39 -17.59
N ALA B 178 3.99 -25.01 -18.48
CA ALA B 178 2.73 -24.40 -18.87
C ALA B 178 1.84 -24.14 -17.65
N GLU B 179 1.78 -25.09 -16.73
CA GLU B 179 0.89 -24.91 -15.57
C GLU B 179 1.42 -23.86 -14.61
N HIS B 180 2.73 -23.90 -14.30
CA HIS B 180 3.27 -22.94 -13.31
C HIS B 180 3.46 -21.56 -13.90
N LYS B 181 3.63 -21.45 -15.20
CA LYS B 181 3.66 -20.14 -15.85
C LYS B 181 2.28 -19.50 -15.84
N LYS B 182 1.24 -20.27 -16.19
CA LYS B 182 -0.13 -19.75 -16.11
C LYS B 182 -0.50 -19.36 -14.69
N TRP B 183 -0.10 -20.17 -13.70
CA TRP B 183 -0.42 -19.86 -12.31
C TRP B 183 0.25 -18.56 -11.90
N CYS B 184 1.48 -18.31 -12.37
CA CYS B 184 2.14 -17.04 -12.09
C CYS B 184 1.36 -15.86 -12.67
N ASP B 185 0.93 -15.98 -13.93
CA ASP B 185 0.13 -14.91 -14.54
C ASP B 185 -1.17 -14.68 -13.77
N ASP B 186 -1.84 -15.75 -13.37
CA ASP B 186 -3.11 -15.61 -12.69
C ASP B 186 -2.93 -14.97 -11.33
N TYR B 187 -1.87 -15.33 -10.61
CA TYR B 187 -1.68 -14.86 -9.23
C TYR B 187 -1.24 -13.39 -9.20
N PHE B 188 -0.26 -13.04 -10.04
CA PHE B 188 0.34 -11.70 -10.01
C PHE B 188 -0.40 -10.77 -10.98
N TYR B 189 -1.67 -10.54 -10.64
CA TYR B 189 -2.59 -9.67 -11.37
C TYR B 189 -3.10 -8.61 -10.42
N LEU B 190 -2.99 -7.34 -10.81
CA LEU B 190 -3.50 -6.23 -9.97
C LEU B 190 -4.90 -5.89 -10.43
N LYS B 191 -5.91 -6.45 -9.76
CA LYS B 191 -7.27 -6.33 -10.30
C LYS B 191 -7.66 -4.86 -10.50
N HIS B 192 -7.41 -4.02 -9.49
CA HIS B 192 -7.91 -2.65 -9.58
C HIS B 192 -7.18 -1.82 -10.63
N ARG B 193 -6.01 -2.25 -11.12
CA ARG B 193 -5.33 -1.55 -12.22
C ARG B 193 -5.52 -2.26 -13.56
N ASP B 194 -6.13 -3.44 -13.55
CA ASP B 194 -6.21 -4.31 -14.73
C ASP B 194 -4.83 -4.41 -15.42
N GLU B 195 -3.80 -4.75 -14.63
CA GLU B 195 -2.42 -4.91 -15.09
C GLU B 195 -1.82 -6.16 -14.46
N GLN B 196 -0.99 -6.90 -15.21
CA GLN B 196 -0.10 -7.86 -14.56
C GLN B 196 0.93 -7.10 -13.72
N ARG B 197 1.43 -7.75 -12.67
CA ARG B 197 2.53 -7.14 -11.91
C ARG B 197 3.80 -7.05 -12.75
N GLY B 198 4.05 -8.04 -13.60
CA GLY B 198 5.29 -8.10 -14.35
C GLY B 198 5.14 -8.97 -15.58
N VAL B 199 6.27 -9.54 -16.03
CA VAL B 199 6.29 -10.40 -17.21
C VAL B 199 6.26 -11.87 -16.81
N GLY B 200 6.06 -12.17 -15.54
CA GLY B 200 5.81 -13.54 -15.12
C GLY B 200 7.05 -14.36 -14.89
N GLY B 201 6.86 -15.69 -15.01
CA GLY B 201 7.84 -16.65 -14.56
C GLY B 201 7.10 -17.89 -14.11
N LEU B 202 7.37 -18.38 -12.88
CA LEU B 202 6.74 -19.59 -12.35
C LEU B 202 6.12 -19.29 -10.99
N PHE B 203 4.98 -19.94 -10.71
CA PHE B 203 4.39 -19.85 -9.38
C PHE B 203 3.70 -21.17 -9.09
N PHE B 204 3.84 -21.69 -7.86
CA PHE B 204 3.15 -22.93 -7.53
C PHE B 204 3.00 -23.00 -6.01
N ASP B 205 2.00 -23.75 -5.57
CA ASP B 205 1.78 -23.98 -4.15
C ASP B 205 1.16 -25.36 -4.04
N ASP B 206 1.06 -25.88 -2.81
CA ASP B 206 0.40 -27.17 -2.54
C ASP B 206 1.04 -28.31 -3.31
N LEU B 207 2.36 -28.21 -3.53
CA LEU B 207 3.05 -29.14 -4.42
C LEU B 207 3.45 -30.37 -3.63
N ASN B 208 2.72 -31.45 -3.88
CA ASN B 208 3.02 -32.73 -3.27
C ASN B 208 2.58 -33.89 -4.16
N CYS B 209 2.37 -33.62 -5.46
CA CYS B 209 1.86 -34.64 -6.39
C CYS B 209 2.93 -35.56 -6.94
N TRP B 210 4.18 -35.19 -6.79
CA TRP B 210 5.29 -36.08 -7.11
C TRP B 210 5.87 -36.61 -5.80
N ASP B 211 6.63 -37.70 -5.88
CA ASP B 211 7.25 -38.14 -4.64
C ASP B 211 8.14 -37.02 -4.06
N PHE B 212 8.33 -37.09 -2.74
CA PHE B 212 9.00 -36.01 -2.01
C PHE B 212 10.32 -35.61 -2.65
N GLU B 213 11.16 -36.58 -3.03
CA GLU B 213 12.47 -36.21 -3.57
CA GLU B 213 12.47 -36.25 -3.59
C GLU B 213 12.34 -35.50 -4.91
N THR B 214 11.38 -35.88 -5.75
CA THR B 214 11.20 -35.16 -7.00
C THR B 214 10.75 -33.74 -6.73
N CYS B 215 9.87 -33.55 -5.74
CA CYS B 215 9.46 -32.18 -5.37
C CYS B 215 10.64 -31.36 -4.84
N PHE B 216 11.49 -31.96 -3.98
CA PHE B 216 12.67 -31.25 -3.47
C PHE B 216 13.61 -30.90 -4.62
N LYS B 217 13.82 -31.84 -5.56
CA LYS B 217 14.62 -31.51 -6.74
C LYS B 217 14.01 -30.36 -7.53
N TYR B 218 12.68 -30.27 -7.59
CA TYR B 218 12.05 -29.16 -8.28
C TYR B 218 12.35 -27.83 -7.60
N ILE B 219 12.20 -27.73 -6.28
CA ILE B 219 12.48 -26.43 -5.68
C ILE B 219 13.96 -26.08 -5.78
N GLN B 220 14.86 -27.08 -5.79
CA GLN B 220 16.26 -26.77 -6.09
C GLN B 220 16.39 -26.15 -7.47
N ALA B 221 15.76 -26.76 -8.49
CA ALA B 221 15.84 -26.24 -9.85
C ALA B 221 15.27 -24.83 -9.93
N VAL B 222 14.14 -24.57 -9.23
CA VAL B 222 13.52 -23.24 -9.25
C VAL B 222 14.42 -22.20 -8.58
N GLY B 223 14.92 -22.51 -7.37
CA GLY B 223 15.74 -21.54 -6.65
C GLY B 223 17.08 -21.27 -7.33
N ASN B 224 17.77 -22.34 -7.75
CA ASN B 224 19.01 -22.15 -8.52
C ASN B 224 18.70 -21.46 -9.84
N GLY B 225 17.56 -21.79 -10.44
CA GLY B 225 17.21 -21.21 -11.72
C GLY B 225 17.00 -19.71 -11.63
N TYR B 226 16.40 -19.23 -10.53
CA TYR B 226 16.28 -17.79 -10.35
C TYR B 226 17.64 -17.13 -10.42
N LEU B 227 18.60 -17.65 -9.64
CA LEU B 227 19.90 -16.98 -9.58
C LEU B 227 20.58 -17.00 -10.95
N ASN B 228 20.52 -18.15 -11.63
CA ASN B 228 21.21 -18.26 -12.90
C ASN B 228 20.56 -17.41 -14.00
N ALA B 229 19.25 -17.15 -13.87
CA ALA B 229 18.55 -16.32 -14.86
C ALA B 229 18.65 -14.83 -14.55
N ILE B 230 18.74 -14.44 -13.26
CA ILE B 230 18.74 -13.00 -12.96
C ILE B 230 20.13 -12.37 -13.18
N LEU B 231 21.21 -13.11 -12.93
CA LEU B 231 22.53 -12.48 -13.01
C LEU B 231 22.86 -12.00 -14.42
N PRO B 232 22.55 -12.72 -15.50
CA PRO B 232 22.85 -12.17 -16.83
C PRO B 232 22.05 -10.91 -17.12
N ILE B 233 20.86 -10.75 -16.52
CA ILE B 233 20.11 -9.52 -16.75
C ILE B 233 20.77 -8.34 -16.04
N PHE B 234 21.26 -8.54 -14.81
CA PHE B 234 22.09 -7.50 -14.18
C PHE B 234 23.32 -7.18 -15.04
N GLU B 235 24.05 -8.21 -15.47
CA GLU B 235 25.30 -7.93 -16.19
C GLU B 235 25.00 -7.14 -17.48
N LYS B 236 23.88 -7.46 -18.15
CA LYS B 236 23.59 -6.85 -19.45
C LYS B 236 23.35 -5.35 -19.32
N HIS B 237 22.71 -4.92 -18.22
CA HIS B 237 22.22 -3.54 -18.10
C HIS B 237 22.89 -2.74 -17.00
N ARG B 238 23.81 -3.34 -16.23
CA ARG B 238 24.32 -2.64 -15.04
C ARG B 238 24.85 -1.24 -15.38
N GLU B 239 25.63 -1.12 -16.45
CA GLU B 239 26.28 0.15 -16.80
C GLU B 239 25.49 0.96 -17.80
N GLN B 240 24.26 0.54 -18.10
CA GLN B 240 23.48 1.21 -19.15
C GLN B 240 22.93 2.53 -18.62
N PRO B 241 23.17 3.65 -19.34
CA PRO B 241 22.73 4.95 -18.83
CA PRO B 241 22.73 4.95 -18.83
C PRO B 241 21.21 5.06 -18.81
N TYR B 242 20.73 5.96 -17.95
CA TYR B 242 19.31 6.27 -17.87
C TYR B 242 19.13 7.74 -17.49
N THR B 243 17.95 8.27 -17.84
CA THR B 243 17.65 9.68 -17.62
C THR B 243 16.89 9.88 -16.30
N GLU B 244 16.82 11.14 -15.87
CA GLU B 244 15.98 11.50 -14.72
C GLU B 244 14.52 11.12 -14.95
N ALA B 245 14.02 11.29 -16.18
CA ALA B 245 12.64 10.89 -16.45
C ALA B 245 12.45 9.39 -16.30
N GLN B 246 13.45 8.59 -16.68
CA GLN B 246 13.32 7.15 -16.49
C GLN B 246 13.35 6.76 -15.01
N ARG B 247 14.21 7.41 -14.22
CA ARG B 247 14.17 7.25 -12.76
C ARG B 247 12.79 7.58 -12.22
N GLU B 248 12.21 8.72 -12.62
CA GLU B 248 10.88 9.06 -12.10
C GLU B 248 9.83 8.02 -12.52
N PHE B 249 9.96 7.46 -13.74
CA PHE B 249 9.01 6.45 -14.15
C PHE B 249 9.18 5.19 -13.32
N GLN B 250 10.45 4.81 -13.06
CA GLN B 250 10.71 3.65 -12.20
C GLN B 250 10.07 3.84 -10.82
N LEU B 251 10.22 5.05 -10.23
CA LEU B 251 9.62 5.26 -8.91
C LEU B 251 8.09 5.19 -8.97
N TYR B 252 7.49 5.75 -10.03
CA TYR B 252 6.05 5.66 -10.22
C TYR B 252 5.61 4.17 -10.35
N ARG B 253 6.36 3.40 -11.16
CA ARG B 253 6.02 1.99 -11.34
C ARG B 253 6.19 1.20 -10.04
N ARG B 254 7.15 1.60 -9.21
CA ARG B 254 7.31 0.93 -7.91
C ARG B 254 6.06 1.12 -7.03
N GLY B 255 5.30 2.21 -7.22
CA GLY B 255 4.05 2.34 -6.49
C GLY B 255 3.10 1.19 -6.81
N ARG B 256 3.11 0.67 -8.06
CA ARG B 256 2.26 -0.47 -8.40
C ARG B 256 2.72 -1.72 -7.64
N TYR B 257 4.03 -1.86 -7.45
CA TYR B 257 4.55 -3.01 -6.69
C TYR B 257 4.05 -2.97 -5.24
N VAL B 258 4.07 -1.78 -4.63
CA VAL B 258 3.52 -1.63 -3.27
C VAL B 258 2.03 -1.96 -3.27
N GLU B 259 1.26 -1.47 -4.27
CA GLU B 259 -0.17 -1.78 -4.30
C GLU B 259 -0.41 -3.28 -4.38
N TYR B 260 0.37 -4.00 -5.19
CA TYR B 260 0.15 -5.43 -5.25
C TYR B 260 0.41 -6.07 -3.89
N ASN B 261 1.56 -5.74 -3.27
CA ASN B 261 1.95 -6.47 -2.07
C ASN B 261 1.04 -6.17 -0.89
N LEU B 262 0.50 -4.94 -0.81
CA LEU B 262 -0.37 -4.56 0.31
C LEU B 262 -1.83 -4.87 0.06
N VAL B 263 -2.30 -5.03 -1.19
CA VAL B 263 -3.71 -5.28 -1.47
C VAL B 263 -3.98 -6.75 -1.85
N TYR B 264 -3.06 -7.40 -2.54
CA TYR B 264 -3.32 -8.74 -3.06
C TYR B 264 -2.40 -9.84 -2.55
N ASP B 265 -1.16 -9.56 -2.15
CA ASP B 265 -0.24 -10.68 -1.89
C ASP B 265 -0.65 -11.43 -0.61
N ARG B 266 -0.99 -12.72 -0.78
CA ARG B 266 -1.60 -13.45 0.33
C ARG B 266 -0.60 -13.64 1.48
N GLY B 267 0.66 -13.95 1.16
CA GLY B 267 1.66 -14.11 2.22
C GLY B 267 1.86 -12.83 3.03
N THR B 268 1.92 -11.69 2.35
CA THR B 268 2.09 -10.42 3.05
C THR B 268 0.88 -10.13 3.94
N LEU B 269 -0.32 -10.25 3.39
CA LEU B 269 -1.52 -9.93 4.18
C LEU B 269 -1.66 -10.85 5.37
N PHE B 270 -1.41 -12.16 5.16
CA PHE B 270 -1.53 -13.09 6.27
C PHE B 270 -0.53 -12.75 7.37
N GLY B 271 0.71 -12.45 6.98
CA GLY B 271 1.71 -12.08 8.00
C GLY B 271 1.34 -10.83 8.76
N LEU B 272 0.83 -9.81 8.05
CA LEU B 272 0.44 -8.57 8.75
C LEU B 272 -0.69 -8.83 9.72
N GLN B 273 -1.65 -9.69 9.36
CA GLN B 273 -2.86 -9.93 10.14
C GLN B 273 -2.58 -10.78 11.36
N THR B 274 -1.56 -11.63 11.31
CA THR B 274 -1.38 -12.64 12.35
C THR B 274 -0.11 -12.41 13.18
N GLY B 275 0.39 -11.17 13.21
CA GLY B 275 1.49 -10.91 14.10
C GLY B 275 2.81 -11.52 13.67
N GLY B 276 3.03 -11.64 12.36
CA GLY B 276 4.31 -12.10 11.87
C GLY B 276 5.39 -11.05 12.07
N ARG B 277 6.58 -11.33 11.52
CA ARG B 277 7.73 -10.46 11.75
C ARG B 277 7.65 -9.32 10.74
N ILE B 278 7.04 -8.19 11.15
CA ILE B 278 6.59 -7.18 10.18
C ILE B 278 7.76 -6.63 9.37
N GLU B 279 8.89 -6.39 10.00
CA GLU B 279 10.00 -5.77 9.24
C GLU B 279 10.54 -6.72 8.15
N SER B 280 10.56 -8.04 8.41
CA SER B 280 10.96 -9.00 7.40
C SER B 280 9.92 -9.10 6.31
N ILE B 281 8.64 -9.13 6.70
CA ILE B 281 7.57 -9.24 5.71
C ILE B 281 7.64 -8.07 4.73
N LEU B 282 7.81 -6.86 5.27
CA LEU B 282 7.75 -5.68 4.41
C LEU B 282 9.08 -5.27 3.80
N VAL B 283 10.11 -6.12 3.92
CA VAL B 283 11.33 -5.87 3.17
C VAL B 283 11.07 -5.89 1.66
N SER B 284 9.98 -6.49 1.22
CA SER B 284 9.65 -6.50 -0.21
C SER B 284 9.35 -5.12 -0.75
N LEU B 285 8.98 -4.14 0.13
CA LEU B 285 8.62 -2.85 -0.44
C LEU B 285 9.90 -2.08 -0.78
N PRO B 286 9.93 -1.41 -1.93
CA PRO B 286 11.15 -0.69 -2.33
C PRO B 286 11.49 0.46 -1.38
N ASN B 287 12.73 0.95 -1.51
CA ASN B 287 13.18 2.03 -0.62
C ASN B 287 12.42 3.33 -0.88
N LEU B 288 12.02 3.55 -2.13
CA LEU B 288 11.31 4.76 -2.55
CA LEU B 288 11.30 4.76 -2.54
C LEU B 288 10.30 4.36 -3.62
N ALA B 289 9.09 4.93 -3.52
CA ALA B 289 8.03 4.71 -4.50
C ALA B 289 7.23 5.99 -4.62
N ALA B 290 6.60 6.17 -5.79
CA ALA B 290 5.89 7.41 -6.06
C ALA B 290 4.46 7.10 -6.50
N TRP B 291 3.58 8.08 -6.29
CA TRP B 291 2.20 8.04 -6.82
C TRP B 291 1.87 9.39 -7.44
N SER B 292 1.17 9.38 -8.57
CA SER B 292 0.74 10.65 -9.14
CA SER B 292 0.78 10.62 -9.24
C SER B 292 -0.66 10.50 -9.73
N TYR B 293 -1.32 11.63 -9.93
CA TYR B 293 -2.72 11.65 -10.40
C TYR B 293 -2.77 11.78 -11.92
N ARG B 294 -3.34 10.76 -12.56
CA ARG B 294 -3.60 10.76 -14.00
C ARG B 294 -2.41 11.12 -14.92
N PRO B 295 -1.25 10.50 -14.71
CA PRO B 295 -0.16 10.73 -15.68
C PRO B 295 -0.53 10.12 -17.01
N GLU B 296 -0.02 10.73 -18.09
CA GLU B 296 -0.27 10.20 -19.43
C GLU B 296 1.05 10.03 -20.15
N TRP B 297 1.14 8.97 -20.94
CA TRP B 297 2.30 8.76 -21.81
C TRP B 297 1.80 8.48 -23.22
N ASP B 298 2.57 8.94 -24.20
CA ASP B 298 2.15 8.73 -25.57
C ASP B 298 2.17 7.25 -25.90
N GLU B 299 1.27 6.82 -26.81
CA GLU B 299 1.22 5.38 -27.10
C GLU B 299 2.49 4.85 -27.74
N ASP B 300 3.28 5.71 -28.40
CA ASP B 300 4.53 5.26 -29.03
C ASP B 300 5.67 5.11 -28.02
N SER B 301 5.46 5.45 -26.74
CA SER B 301 6.59 5.51 -25.81
C SER B 301 6.84 4.15 -25.14
N PRO B 302 8.06 3.91 -24.69
CA PRO B 302 8.31 2.65 -23.94
C PRO B 302 7.49 2.60 -22.67
N GLU B 303 7.22 3.76 -22.05
CA GLU B 303 6.44 3.79 -20.82
C GLU B 303 5.04 3.25 -21.04
N LYS B 304 4.40 3.62 -22.16
CA LYS B 304 3.07 3.11 -22.43
C LYS B 304 3.14 1.68 -22.93
N ARG B 305 4.18 1.32 -23.71
CA ARG B 305 4.29 -0.05 -24.17
C ARG B 305 4.43 -1.02 -23.01
N LEU B 306 5.05 -0.57 -21.89
CA LEU B 306 5.15 -1.45 -20.74
C LEU B 306 3.79 -2.03 -20.38
N THR B 307 2.76 -1.17 -20.26
CA THR B 307 1.46 -1.68 -19.84
C THR B 307 0.59 -2.14 -21.00
N ASP B 308 0.73 -1.54 -22.19
CA ASP B 308 -0.13 -1.99 -23.29
C ASP B 308 0.30 -3.37 -23.81
N TYR B 309 1.60 -3.67 -23.75
CA TYR B 309 2.15 -4.90 -24.31
C TYR B 309 2.66 -5.86 -23.25
N TYR B 310 3.61 -5.42 -22.39
CA TYR B 310 4.35 -6.41 -21.60
C TYR B 310 3.61 -6.88 -20.35
N LEU B 311 2.81 -6.01 -19.72
CA LEU B 311 2.14 -6.39 -18.47
C LEU B 311 0.73 -6.93 -18.75
N LYS B 312 0.66 -7.84 -19.72
CA LYS B 312 -0.51 -8.65 -20.03
C LYS B 312 0.02 -10.06 -20.14
N PRO B 313 -0.81 -11.08 -19.91
CA PRO B 313 -0.33 -12.45 -20.10
C PRO B 313 0.00 -12.63 -21.57
N ARG B 314 1.21 -13.11 -21.84
CA ARG B 314 1.64 -13.36 -23.23
C ARG B 314 2.28 -14.73 -23.36
N ASP B 315 2.11 -15.30 -24.54
CA ASP B 315 2.73 -16.60 -24.85
C ASP B 315 4.14 -16.34 -25.40
N TRP B 316 5.04 -15.98 -24.46
CA TRP B 316 6.38 -15.54 -24.83
C TRP B 316 7.11 -16.56 -25.69
N LEU B 317 7.00 -17.83 -25.35
CA LEU B 317 7.73 -18.88 -26.06
C LEU B 317 6.97 -19.47 -27.26
N GLY B 318 5.75 -19.01 -27.53
CA GLY B 318 5.04 -19.60 -28.66
C GLY B 318 4.57 -21.03 -28.47
N LEU B 319 4.35 -21.47 -27.24
CA LEU B 319 3.91 -22.83 -26.97
C LEU B 319 2.45 -23.07 -27.33
N GLU B 320 1.66 -22.02 -27.44
CA GLU B 320 0.24 -22.19 -27.69
C GLU B 320 -0.16 -21.84 -29.12
N GLU B 321 0.80 -21.57 -29.98
CA GLU B 321 0.54 -21.32 -31.39
C GLU B 321 0.51 -22.67 -32.11
C ACT C . -7.38 9.04 4.01
O ACT C . -6.20 9.44 3.82
OXT ACT C . -7.86 8.99 5.19
CH3 ACT C . -8.23 8.60 2.86
C ACT D . 6.68 -10.20 -3.40
O ACT D . 7.23 -9.12 -3.73
OXT ACT D . 6.19 -10.98 -4.28
CH3 ACT D . 6.61 -10.56 -1.96
#